data_6HG0
#
_entry.id   6HG0
#
_cell.length_a   181.200
_cell.length_b   181.200
_cell.length_c   181.200
_cell.angle_alpha   90.00
_cell.angle_beta   90.00
_cell.angle_gamma   90.00
#
_symmetry.space_group_name_H-M   'I 4 3 2'
#
loop_
_entity.id
_entity.type
_entity.pdbx_description
1 polymer Neuraminidase
2 branched alpha-D-mannopyranose-(1-2)-alpha-D-mannopyranose-(1-2)-alpha-D-mannopyranose-(1-3)-[alpha-D-mannopyranose-(1-2)-alpha-D-mannopyranose-(1-6)-[alpha-D-mannopyranose-(1-3)]alpha-D-mannopyranose-(1-6)]beta-D-mannopyranose-(1-4)-2-acetamido-2-deoxy-beta-D-glucopyranose-(1-4)-2-acetamido-2-deoxy-beta-D-glucopyranose
3 branched 2-acetamido-2-deoxy-beta-D-glucopyranose-(1-4)-2-acetamido-2-deoxy-beta-D-glucopyranose
4 non-polymer 'CALCIUM ION'
5 non-polymer GLYCEROL
6 non-polymer 'PHOSPHATE ION'
7 non-polymer 'N-acetyl-alpha-neuraminic acid'
8 non-polymer 'POTASSIUM ION'
9 water water
#
_entity_poly.entity_id   1
_entity_poly.type   'polypeptide(L)'
_entity_poly.pdbx_seq_one_letter_code
;RDFNNLTKGLCTINSWHIYGKDNAVRIGEDSDVLVTREPYVSCDPDECRFYALSQGTTIRGKHSNGTIHDRSQYRALISW
PLSSPPTVYNSRVECIGWSSTSCHDGKTRMSICISGPNNNASAVIWYNRRPVTEINTWARNILRTQESECVCHNGVCPVV
FTDGSATGPAETRIYYFKEGKILKWEPLAGTAKHIEECSCYGERAEITCTCRDNWQGSNRPVIRIDPVAMTHTSQYICSP
VLTDNPRPNDPTVGKCNDPYPGNNNNGVKGFSYLDGVNTWLGRTISIASRSGYEMLKVPNALTDDKSKPTQGQTIVLNTD
WSGYSGSFMDYWAEGECYRACFYVELIRGRPKEDKVWWTSNSIVSMCSSTEFLGQWDWPDGAKIEYFL
;
_entity_poly.pdbx_strand_id   A
#
loop_
_chem_comp.id
_chem_comp.type
_chem_comp.name
_chem_comp.formula
BMA D-saccharide, beta linking beta-D-mannopyranose 'C6 H12 O6'
CA non-polymer 'CALCIUM ION' 'Ca 2'
GOL non-polymer GLYCEROL 'C3 H8 O3'
K non-polymer 'POTASSIUM ION' 'K 1'
MAN D-saccharide, alpha linking alpha-D-mannopyranose 'C6 H12 O6'
NAG D-saccharide, beta linking 2-acetamido-2-deoxy-beta-D-glucopyranose 'C8 H15 N O6'
PO4 non-polymer 'PHOSPHATE ION' 'O4 P -3'
SIA D-saccharide, alpha linking 'N-acetyl-alpha-neuraminic acid' 'C11 H19 N O9'
#
# COMPACT_ATOMS: atom_id res chain seq x y z
N ARG A 1 -14.71 -12.28 -21.34
CA ARG A 1 -13.67 -12.36 -20.23
C ARG A 1 -14.15 -13.28 -19.10
N ASP A 2 -13.20 -14.04 -18.55
CA ASP A 2 -13.46 -14.84 -17.37
C ASP A 2 -12.81 -14.20 -16.16
N PHE A 3 -13.31 -14.53 -14.96
CA PHE A 3 -12.65 -14.08 -13.76
C PHE A 3 -11.26 -14.66 -13.70
N ASN A 4 -10.32 -13.80 -13.25
CA ASN A 4 -8.94 -14.24 -13.04
C ASN A 4 -8.85 -15.16 -11.82
N ASN A 5 -8.07 -16.22 -12.00
CA ASN A 5 -7.75 -17.13 -10.91
C ASN A 5 -6.26 -17.03 -10.62
N LEU A 6 -5.94 -17.13 -9.31
CA LEU A 6 -4.56 -17.05 -8.85
C LEU A 6 -3.86 -18.39 -9.00
N THR A 7 -3.47 -18.73 -10.22
CA THR A 7 -2.99 -20.08 -10.54
C THR A 7 -1.50 -20.22 -10.46
N LYS A 8 -0.79 -19.12 -10.44
CA LYS A 8 0.66 -19.11 -10.55
C LYS A 8 1.32 -18.84 -9.18
N GLY A 9 2.57 -19.26 -9.04
CA GLY A 9 3.39 -18.85 -7.92
C GLY A 9 4.19 -17.58 -8.27
N LEU A 10 4.92 -17.06 -7.28
CA LEU A 10 5.76 -15.91 -7.54
C LEU A 10 7.00 -16.32 -8.30
N CYS A 11 7.42 -15.43 -9.19
N CYS A 11 7.45 -15.40 -9.16
CA CYS A 11 8.75 -15.57 -9.82
CA CYS A 11 8.72 -15.52 -9.80
C CYS A 11 9.83 -15.46 -8.74
C CYS A 11 9.84 -15.43 -8.74
N THR A 12 10.99 -16.04 -9.02
CA THR A 12 12.13 -15.90 -8.14
C THR A 12 12.67 -14.46 -8.20
N ILE A 13 12.76 -13.84 -7.03
CA ILE A 13 13.17 -12.44 -6.92
C ILE A 13 14.67 -12.41 -6.63
N ASN A 14 15.46 -12.07 -7.66
CA ASN A 14 16.91 -11.91 -7.45
C ASN A 14 17.38 -10.48 -7.45
N SER A 15 16.51 -9.54 -7.81
CA SER A 15 16.78 -8.10 -7.73
C SER A 15 15.48 -7.42 -8.17
N TRP A 16 15.55 -6.09 -8.22
CA TRP A 16 14.39 -5.30 -8.57
C TRP A 16 14.77 -4.36 -9.71
N HIS A 17 13.92 -4.22 -10.73
CA HIS A 17 14.14 -3.32 -11.87
C HIS A 17 13.12 -2.18 -11.81
N ILE A 18 13.49 -1.06 -12.39
CA ILE A 18 12.58 0.11 -12.47
C ILE A 18 11.36 -0.26 -13.33
N TYR A 19 10.20 0.07 -12.82
CA TYR A 19 8.93 -0.21 -13.55
C TYR A 19 8.28 1.11 -13.96
N GLY A 20 8.08 2.00 -13.00
CA GLY A 20 7.46 3.28 -13.30
C GLY A 20 7.92 4.36 -12.36
N LYS A 21 7.82 5.59 -12.82
CA LYS A 21 8.21 6.74 -12.01
C LYS A 21 7.54 7.96 -12.64
N ASP A 22 6.82 8.76 -11.88
CA ASP A 22 6.07 9.88 -12.47
C ASP A 22 6.67 11.26 -12.33
N ASN A 23 7.68 11.43 -11.44
CA ASN A 23 8.33 12.75 -11.35
C ASN A 23 7.28 13.86 -11.11
N ALA A 24 6.21 13.56 -10.36
CA ALA A 24 5.05 14.43 -10.33
C ALA A 24 5.35 15.80 -9.73
N VAL A 25 6.19 15.84 -8.67
CA VAL A 25 6.45 17.13 -7.98
C VAL A 25 7.37 17.98 -8.84
N ARG A 26 8.39 17.40 -9.47
CA ARG A 26 9.22 18.14 -10.41
C ARG A 26 8.34 18.76 -11.50
N ILE A 27 7.52 17.94 -12.12
CA ILE A 27 6.76 18.39 -13.27
C ILE A 27 5.69 19.41 -12.85
N GLY A 28 5.07 19.17 -11.69
CA GLY A 28 4.02 20.03 -11.20
C GLY A 28 4.46 21.37 -10.64
N GLU A 29 5.78 21.62 -10.60
CA GLU A 29 6.27 22.96 -10.30
C GLU A 29 5.80 23.96 -11.37
N ASP A 30 5.54 23.48 -12.60
CA ASP A 30 5.11 24.35 -13.69
C ASP A 30 4.16 23.63 -14.64
N SER A 31 3.25 22.86 -14.10
N SER A 31 3.28 22.80 -14.07
CA SER A 31 2.14 22.28 -14.90
CA SER A 31 2.23 22.09 -14.81
C SER A 31 1.04 21.91 -13.92
C SER A 31 1.04 21.86 -13.87
N ASP A 32 -0.12 21.54 -14.44
CA ASP A 32 -1.35 21.42 -13.64
C ASP A 32 -1.50 20.04 -13.04
N VAL A 33 -0.65 19.75 -12.09
CA VAL A 33 -0.56 18.48 -11.40
C VAL A 33 -1.31 18.58 -10.08
N LEU A 34 -2.21 17.60 -9.86
CA LEU A 34 -2.97 17.54 -8.61
C LEU A 34 -2.06 17.16 -7.44
N VAL A 35 -2.35 17.77 -6.30
CA VAL A 35 -1.84 17.32 -5.02
C VAL A 35 -2.43 15.98 -4.68
N THR A 36 -1.59 15.03 -4.27
CA THR A 36 -2.05 13.69 -3.91
C THR A 36 -1.40 13.25 -2.61
N ARG A 37 -1.77 12.06 -2.13
CA ARG A 37 -1.06 11.23 -1.20
C ARG A 37 -1.72 9.84 -1.26
N GLU A 38 -1.15 8.89 -0.56
CA GLU A 38 -1.66 7.52 -0.53
C GLU A 38 -1.82 6.93 -1.94
N PRO A 39 -0.72 6.92 -2.72
CA PRO A 39 -0.78 6.38 -4.08
C PRO A 39 -0.68 4.86 -4.06
N TYR A 40 -0.92 4.29 -5.22
CA TYR A 40 -0.70 2.85 -5.46
C TYR A 40 -0.72 2.60 -6.96
N VAL A 41 -0.56 1.33 -7.30
CA VAL A 41 -0.54 0.87 -8.71
C VAL A 41 -1.49 -0.32 -8.80
N SER A 42 -2.22 -0.41 -9.90
CA SER A 42 -3.13 -1.55 -10.09
C SER A 42 -3.30 -1.79 -11.59
N CYS A 43 -3.34 -3.06 -11.93
CA CYS A 43 -3.47 -3.48 -13.33
C CYS A 43 -4.87 -3.99 -13.69
N ASP A 44 -5.23 -3.64 -14.90
CA ASP A 44 -6.40 -4.22 -15.60
C ASP A 44 -5.80 -5.26 -16.57
N PRO A 45 -6.61 -6.07 -17.27
CA PRO A 45 -6.04 -7.02 -18.23
C PRO A 45 -5.25 -6.42 -19.42
N ASP A 46 -5.51 -5.16 -19.73
CA ASP A 46 -4.91 -4.50 -20.91
C ASP A 46 -4.09 -3.26 -20.56
N GLU A 47 -4.01 -2.88 -19.29
N GLU A 47 -3.95 -2.90 -19.29
CA GLU A 47 -3.18 -1.69 -18.93
CA GLU A 47 -3.21 -1.65 -18.94
C GLU A 47 -2.95 -1.68 -17.42
C GLU A 47 -2.90 -1.65 -17.45
N CYS A 48 -1.85 -1.06 -17.03
N CYS A 48 -2.04 -1.05 -17.04
N CYS A 48 -1.81 -1.00 -17.06
CA CYS A 48 -1.56 -0.81 -15.61
CA CYS A 48 -1.55 -0.83 -15.67
CA CYS A 48 -1.50 -0.80 -15.63
C CYS A 48 -1.60 0.70 -15.41
C CYS A 48 -1.59 0.68 -15.41
C CYS A 48 -1.51 0.71 -15.39
N ARG A 49 -2.10 1.14 -14.28
CA ARG A 49 -2.25 2.58 -14.00
C ARG A 49 -1.81 2.93 -12.58
N PHE A 50 -1.46 4.20 -12.41
CA PHE A 50 -1.18 4.79 -11.08
C PHE A 50 -2.51 5.26 -10.50
N TYR A 51 -2.64 5.16 -9.19
CA TYR A 51 -3.81 5.55 -8.42
C TYR A 51 -3.34 6.39 -7.26
N ALA A 52 -4.21 7.26 -6.76
CA ALA A 52 -3.90 8.00 -5.49
C ALA A 52 -5.15 8.71 -5.03
N LEU A 53 -5.07 9.28 -3.82
CA LEU A 53 -6.11 10.18 -3.35
C LEU A 53 -5.73 11.62 -3.64
N SER A 54 -6.42 12.20 -4.59
CA SER A 54 -6.33 13.66 -4.86
C SER A 54 -6.72 14.44 -3.59
N GLN A 55 -6.23 15.69 -3.56
CA GLN A 55 -6.68 16.68 -2.57
C GLN A 55 -7.53 17.74 -3.26
N GLY A 56 -7.86 17.60 -4.53
CA GLY A 56 -8.80 18.55 -5.13
C GLY A 56 -8.23 19.94 -5.34
N THR A 57 -6.95 20.01 -5.70
CA THR A 57 -6.24 21.27 -5.96
C THR A 57 -4.99 20.85 -6.70
N THR A 58 -4.44 21.78 -7.48
CA THR A 58 -3.05 21.64 -7.99
C THR A 58 -2.03 22.00 -6.95
N ILE A 59 -0.80 21.64 -7.20
N ILE A 59 -0.80 21.56 -7.15
CA ILE A 59 0.28 21.87 -6.21
CA ILE A 59 0.35 21.92 -6.19
C ILE A 59 0.74 23.33 -6.21
C ILE A 59 0.57 23.42 -6.16
N ARG A 60 0.65 24.01 -7.35
CA ARG A 60 0.90 25.47 -7.44
C ARG A 60 -0.33 26.28 -7.06
N GLY A 61 -1.48 25.63 -6.98
CA GLY A 61 -2.68 26.35 -6.64
C GLY A 61 -2.65 26.81 -5.19
N LYS A 62 -3.34 27.92 -4.92
CA LYS A 62 -3.43 28.44 -3.57
C LYS A 62 -4.13 27.48 -2.63
N HIS A 63 -5.03 26.61 -3.12
CA HIS A 63 -5.72 25.64 -2.31
C HIS A 63 -4.83 24.47 -1.87
N SER A 64 -3.56 24.49 -2.29
CA SER A 64 -2.62 23.47 -1.79
C SER A 64 -2.27 23.75 -0.32
N ASN A 65 -2.51 24.98 0.16
CA ASN A 65 -2.23 25.27 1.58
C ASN A 65 -3.18 24.46 2.43
N GLY A 66 -2.64 23.62 3.29
CA GLY A 66 -3.47 22.83 4.21
C GLY A 66 -3.56 21.36 3.85
N THR A 67 -2.91 20.92 2.77
CA THR A 67 -2.99 19.59 2.28
C THR A 67 -2.22 18.57 3.11
N ILE A 68 -1.61 18.96 4.24
CA ILE A 68 -1.12 17.96 5.18
C ILE A 68 -2.31 17.12 5.70
N HIS A 69 -3.50 17.73 5.76
CA HIS A 69 -4.64 17.07 6.37
C HIS A 69 -5.11 15.87 5.52
N ASP A 70 -5.52 14.81 6.20
CA ASP A 70 -5.80 13.51 5.56
C ASP A 70 -7.22 13.40 5.02
N ARG A 71 -8.21 14.09 5.61
CA ARG A 71 -9.60 13.81 5.30
C ARG A 71 -10.34 15.10 5.05
N SER A 72 -10.83 15.30 3.87
CA SER A 72 -11.68 16.42 3.48
C SER A 72 -12.67 15.95 2.44
N GLN A 73 -13.63 16.85 2.18
CA GLN A 73 -14.66 16.65 1.16
C GLN A 73 -14.11 16.81 -0.25
N TYR A 74 -12.83 17.19 -0.41
CA TYR A 74 -12.25 17.56 -1.69
C TYR A 74 -11.34 16.47 -2.23
N ARG A 75 -11.25 15.32 -1.50
CA ARG A 75 -10.46 14.17 -1.90
C ARG A 75 -11.27 13.21 -2.76
N ALA A 76 -10.54 12.46 -3.59
CA ALA A 76 -11.14 11.45 -4.48
C ALA A 76 -10.06 10.48 -4.86
N LEU A 77 -10.49 9.24 -5.11
CA LEU A 77 -9.59 8.28 -5.73
C LEU A 77 -9.55 8.59 -7.23
N ILE A 78 -8.35 8.83 -7.72
CA ILE A 78 -8.06 9.06 -9.15
C ILE A 78 -7.10 8.00 -9.66
N SER A 79 -7.18 7.74 -10.96
CA SER A 79 -6.18 6.91 -11.63
C SER A 79 -5.74 7.66 -12.89
N TRP A 80 -4.54 7.29 -13.34
CA TRP A 80 -3.95 7.96 -14.52
C TRP A 80 -2.92 7.05 -15.16
N PRO A 81 -2.52 7.33 -16.41
CA PRO A 81 -1.61 6.42 -17.10
C PRO A 81 -0.25 6.23 -16.41
N LEU A 82 0.20 4.99 -16.45
N LEU A 82 0.21 4.98 -16.43
CA LEU A 82 1.47 4.57 -15.82
CA LEU A 82 1.49 4.53 -15.84
C LEU A 82 2.62 5.53 -16.16
C LEU A 82 2.63 5.51 -16.16
N SER A 83 3.23 6.07 -15.11
CA SER A 83 4.39 7.00 -15.18
C SER A 83 4.04 8.41 -15.67
N SER A 84 2.87 8.70 -16.16
N SER A 84 2.87 8.70 -16.16
CA SER A 84 2.51 10.10 -16.27
CA SER A 84 2.53 10.10 -16.29
C SER A 84 2.28 10.67 -14.87
C SER A 84 2.27 10.67 -14.89
N PRO A 85 2.25 12.02 -14.68
CA PRO A 85 1.84 12.56 -13.41
C PRO A 85 0.33 12.66 -13.29
N PRO A 86 -0.24 12.82 -12.09
CA PRO A 86 -1.70 12.97 -11.93
C PRO A 86 -2.06 14.39 -12.23
N THR A 87 -2.51 14.66 -13.44
CA THR A 87 -2.86 15.99 -13.85
C THR A 87 -4.36 16.25 -13.82
N VAL A 88 -4.72 17.50 -13.84
CA VAL A 88 -6.12 17.83 -13.89
C VAL A 88 -6.76 17.22 -15.14
N TYR A 89 -6.03 17.12 -16.24
CA TYR A 89 -6.56 16.81 -17.54
C TYR A 89 -6.45 15.31 -17.87
N ASN A 90 -5.71 14.53 -17.15
CA ASN A 90 -5.55 13.11 -17.50
C ASN A 90 -6.00 12.21 -16.33
N SER A 91 -6.44 12.74 -15.23
N SER A 91 -6.50 12.75 -15.24
CA SER A 91 -6.80 11.91 -14.06
CA SER A 91 -6.84 11.89 -14.15
C SER A 91 -8.29 11.55 -14.12
C SER A 91 -8.31 11.52 -14.25
N ARG A 92 -8.57 10.26 -14.01
CA ARG A 92 -9.95 9.73 -13.98
C ARG A 92 -10.38 9.48 -12.58
N VAL A 93 -11.50 10.09 -12.19
CA VAL A 93 -11.99 9.85 -10.84
C VAL A 93 -12.72 8.52 -10.77
N GLU A 94 -12.31 7.69 -9.83
CA GLU A 94 -12.93 6.42 -9.57
C GLU A 94 -14.08 6.51 -8.61
N CYS A 95 -13.91 7.32 -7.56
CA CYS A 95 -14.95 7.50 -6.55
C CYS A 95 -14.45 8.63 -5.62
N ILE A 96 -15.35 9.14 -4.81
CA ILE A 96 -15.12 10.27 -3.91
C ILE A 96 -14.89 9.79 -2.49
N GLY A 97 -13.81 10.27 -1.86
CA GLY A 97 -13.49 9.97 -0.49
C GLY A 97 -12.05 10.06 -0.19
N TRP A 98 -11.69 9.61 1.04
CA TRP A 98 -10.42 9.90 1.61
C TRP A 98 -9.72 8.63 2.16
N SER A 99 -10.19 7.45 1.76
CA SER A 99 -9.55 6.15 1.99
C SER A 99 -10.05 5.21 0.89
N SER A 100 -9.19 4.38 0.29
CA SER A 100 -9.57 3.61 -0.86
C SER A 100 -8.89 2.31 -1.03
N THR A 101 -9.49 1.50 -1.90
CA THR A 101 -8.79 0.35 -2.54
C THR A 101 -9.47 0.16 -3.92
N SER A 102 -8.83 -0.65 -4.75
CA SER A 102 -9.38 -0.95 -6.08
C SER A 102 -8.69 -2.20 -6.56
N CYS A 103 -9.41 -3.00 -7.37
CA CYS A 103 -8.81 -4.17 -8.02
C CYS A 103 -9.70 -4.59 -9.17
N HIS A 104 -9.06 -5.23 -10.14
CA HIS A 104 -9.76 -5.82 -11.29
C HIS A 104 -9.93 -7.30 -11.02
N ASP A 105 -11.11 -7.84 -11.37
CA ASP A 105 -11.35 -9.27 -11.14
C ASP A 105 -11.14 -10.11 -12.39
N GLY A 106 -10.70 -9.48 -13.51
CA GLY A 106 -10.56 -10.16 -14.79
C GLY A 106 -11.65 -9.78 -15.77
N LYS A 107 -12.82 -9.47 -15.22
CA LYS A 107 -13.96 -8.98 -16.02
C LYS A 107 -14.05 -7.45 -15.96
N THR A 108 -14.10 -6.87 -14.74
CA THR A 108 -14.11 -5.44 -14.60
C THR A 108 -13.52 -5.10 -13.24
N ARG A 109 -13.51 -3.79 -12.96
CA ARG A 109 -12.86 -3.27 -11.76
C ARG A 109 -13.84 -2.90 -10.67
N MET A 110 -13.44 -3.25 -9.44
CA MET A 110 -14.11 -2.79 -8.21
C MET A 110 -13.25 -1.70 -7.62
N SER A 111 -13.91 -0.57 -7.23
CA SER A 111 -13.22 0.49 -6.52
C SER A 111 -14.04 0.85 -5.30
N ILE A 112 -13.35 1.13 -4.17
CA ILE A 112 -14.04 1.45 -2.92
C ILE A 112 -13.45 2.73 -2.39
N CYS A 113 -14.34 3.65 -2.02
N CYS A 113 -14.30 3.71 -2.09
CA CYS A 113 -13.93 4.89 -1.38
CA CYS A 113 -13.86 4.90 -1.36
C CYS A 113 -14.80 5.11 -0.14
C CYS A 113 -14.77 5.12 -0.16
N ILE A 114 -14.14 5.54 0.93
CA ILE A 114 -14.78 5.89 2.18
C ILE A 114 -14.81 7.43 2.31
N SER A 115 -15.94 7.99 2.74
CA SER A 115 -16.04 9.42 3.03
C SER A 115 -16.86 9.61 4.28
N GLY A 116 -16.85 10.84 4.76
CA GLY A 116 -17.68 11.25 5.86
C GLY A 116 -16.87 11.92 6.96
N PRO A 117 -17.58 12.40 7.98
CA PRO A 117 -16.92 12.86 9.17
C PRO A 117 -16.36 11.65 9.96
N ASN A 118 -15.52 11.89 10.94
CA ASN A 118 -14.85 10.78 11.60
C ASN A 118 -15.83 9.83 12.28
N ASN A 119 -16.94 10.34 12.80
CA ASN A 119 -17.90 9.53 13.56
C ASN A 119 -19.06 9.02 12.69
N ASN A 120 -19.02 9.18 11.36
CA ASN A 120 -20.19 8.91 10.54
C ASN A 120 -19.78 8.59 9.10
N ALA A 121 -18.65 7.87 8.92
CA ALA A 121 -18.13 7.58 7.61
C ALA A 121 -18.84 6.37 6.99
N SER A 122 -18.71 6.26 5.67
CA SER A 122 -19.35 5.17 4.93
C SER A 122 -18.51 4.82 3.74
N ALA A 123 -18.47 3.55 3.40
CA ALA A 123 -17.84 3.05 2.19
C ALA A 123 -18.86 2.89 1.07
N VAL A 124 -18.49 3.27 -0.14
CA VAL A 124 -19.25 2.98 -1.34
C VAL A 124 -18.39 2.10 -2.22
N ILE A 125 -18.98 0.96 -2.61
CA ILE A 125 -18.33 -0.03 -3.44
C ILE A 125 -18.89 0.10 -4.84
N TRP A 126 -17.97 0.46 -5.77
CA TRP A 126 -18.29 0.62 -7.18
C TRP A 126 -17.79 -0.62 -7.90
N TYR A 127 -18.56 -1.02 -8.92
CA TYR A 127 -18.22 -2.16 -9.77
C TYR A 127 -18.62 -1.80 -11.20
N ASN A 128 -17.70 -1.98 -12.13
CA ASN A 128 -17.97 -1.61 -13.52
C ASN A 128 -18.35 -0.12 -13.57
N ARG A 129 -17.71 0.69 -12.73
CA ARG A 129 -17.85 2.15 -12.77
C ARG A 129 -19.22 2.65 -12.35
N ARG A 130 -19.93 1.82 -11.58
N ARG A 130 -19.90 1.81 -11.55
CA ARG A 130 -21.24 2.17 -11.02
CA ARG A 130 -21.21 2.19 -11.00
C ARG A 130 -21.26 1.82 -9.55
C ARG A 130 -21.25 1.83 -9.53
N PRO A 131 -21.96 2.62 -8.71
CA PRO A 131 -22.10 2.26 -7.30
C PRO A 131 -23.02 1.08 -7.14
N VAL A 132 -22.61 0.12 -6.31
CA VAL A 132 -23.39 -1.10 -6.09
C VAL A 132 -23.79 -1.31 -4.65
N THR A 133 -22.86 -1.19 -3.72
CA THR A 133 -23.08 -1.48 -2.32
C THR A 133 -22.56 -0.34 -1.47
N GLU A 134 -23.13 -0.14 -0.28
CA GLU A 134 -22.68 0.84 0.68
C GLU A 134 -22.56 0.18 2.05
N ILE A 135 -21.59 0.59 2.84
CA ILE A 135 -21.36 0.05 4.20
C ILE A 135 -21.18 1.23 5.15
N ASN A 136 -22.05 1.29 6.17
CA ASN A 136 -21.90 2.32 7.18
C ASN A 136 -20.81 1.97 8.22
N THR A 137 -20.21 2.99 8.80
CA THR A 137 -19.33 2.83 9.95
C THR A 137 -19.95 1.90 11.00
N TRP A 138 -19.16 0.98 11.54
CA TRP A 138 -19.60 0.09 12.57
C TRP A 138 -19.07 0.50 13.95
N ALA A 139 -17.98 1.31 14.00
CA ALA A 139 -17.38 1.70 15.27
C ALA A 139 -17.31 3.22 15.43
N ARG A 140 -17.75 3.99 14.43
N ARG A 140 -17.73 3.99 14.42
CA ARG A 140 -17.87 5.44 14.53
CA ARG A 140 -17.86 5.43 14.54
C ARG A 140 -16.54 6.12 14.79
C ARG A 140 -16.52 6.10 14.82
N ASN A 141 -15.47 5.63 14.12
N ASN A 141 -15.43 5.57 14.25
CA ASN A 141 -14.14 6.19 14.37
CA ASN A 141 -14.15 6.27 14.31
C ASN A 141 -13.25 5.91 13.14
C ASN A 141 -13.27 5.90 13.12
N ILE A 142 -13.44 6.72 12.11
CA ILE A 142 -12.61 6.76 10.92
C ILE A 142 -12.58 5.35 10.28
N LEU A 143 -13.73 4.87 9.78
CA LEU A 143 -13.71 3.72 8.91
C LEU A 143 -12.65 3.94 7.83
N ARG A 144 -11.87 2.90 7.54
CA ARG A 144 -10.68 3.10 6.69
C ARG A 144 -10.25 1.78 6.11
N THR A 145 -9.53 1.83 5.01
CA THR A 145 -9.14 0.63 4.27
C THR A 145 -7.70 0.66 3.79
N GLN A 146 -7.39 -0.08 2.73
CA GLN A 146 -6.03 -0.54 2.44
C GLN A 146 -5.10 0.56 1.98
N GLU A 147 -5.57 1.45 1.08
CA GLU A 147 -4.73 2.43 0.40
C GLU A 147 -3.78 1.75 -0.57
N SER A 148 -4.08 0.53 -1.02
CA SER A 148 -3.41 -0.09 -2.16
C SER A 148 -4.35 -1.14 -2.71
N GLU A 149 -3.94 -1.83 -3.78
CA GLU A 149 -4.90 -2.67 -4.47
C GLU A 149 -5.30 -3.88 -3.65
N CYS A 150 -6.56 -4.27 -3.90
CA CYS A 150 -7.09 -5.56 -3.48
C CYS A 150 -6.71 -6.61 -4.52
N VAL A 151 -7.08 -7.86 -4.22
CA VAL A 151 -6.75 -9.00 -5.06
C VAL A 151 -7.98 -9.88 -5.18
N CYS A 152 -8.24 -10.39 -6.40
CA CYS A 152 -9.42 -11.22 -6.61
C CYS A 152 -9.04 -12.62 -7.07
N HIS A 153 -9.94 -13.59 -6.77
CA HIS A 153 -9.73 -14.98 -7.21
C HIS A 153 -11.13 -15.51 -7.55
N ASN A 154 -11.34 -15.91 -8.81
CA ASN A 154 -12.63 -16.41 -9.26
C ASN A 154 -13.75 -15.46 -8.87
N GLY A 155 -13.52 -14.18 -9.02
CA GLY A 155 -14.53 -13.15 -8.77
C GLY A 155 -14.65 -12.69 -7.35
N VAL A 156 -14.01 -13.40 -6.41
CA VAL A 156 -14.09 -13.03 -4.98
C VAL A 156 -12.89 -12.13 -4.69
N CYS A 157 -13.18 -10.92 -4.22
CA CYS A 157 -12.18 -9.89 -3.96
C CYS A 157 -12.25 -9.54 -2.47
N PRO A 158 -11.38 -10.11 -1.60
CA PRO A 158 -11.38 -9.72 -0.21
C PRO A 158 -10.79 -8.33 -0.02
N VAL A 159 -11.31 -7.63 1.00
CA VAL A 159 -10.85 -6.29 1.34
C VAL A 159 -10.82 -6.18 2.85
N VAL A 160 -9.73 -5.62 3.37
CA VAL A 160 -9.58 -5.40 4.80
C VAL A 160 -9.92 -3.98 5.18
N PHE A 161 -10.83 -3.83 6.15
CA PHE A 161 -11.25 -2.52 6.70
C PHE A 161 -10.99 -2.51 8.19
N THR A 162 -10.77 -1.31 8.71
CA THR A 162 -10.69 -1.10 10.15
C THR A 162 -11.58 0.06 10.52
N ASP A 163 -12.25 0.00 11.69
CA ASP A 163 -12.99 1.13 12.22
C ASP A 163 -12.72 1.07 13.72
N GLY A 164 -12.44 2.24 14.29
CA GLY A 164 -12.05 2.27 15.71
C GLY A 164 -10.73 2.95 15.92
N SER A 165 -10.24 2.80 17.16
CA SER A 165 -9.07 3.50 17.60
C SER A 165 -7.83 3.18 16.76
N ALA A 166 -6.98 4.20 16.62
CA ALA A 166 -5.64 4.06 16.06
C ALA A 166 -4.60 3.75 17.14
N THR A 167 -5.00 3.76 18.43
CA THR A 167 -4.08 3.74 19.60
C THR A 167 -4.59 2.78 20.67
N GLY A 168 -5.35 1.76 20.24
CA GLY A 168 -5.86 0.72 21.05
C GLY A 168 -6.62 -0.25 20.18
N PRO A 169 -7.27 -1.27 20.79
CA PRO A 169 -8.03 -2.26 19.99
C PRO A 169 -9.04 -1.56 19.07
N ALA A 170 -9.18 -2.06 17.87
CA ALA A 170 -10.13 -1.57 16.90
C ALA A 170 -10.90 -2.76 16.33
N GLU A 171 -11.84 -2.46 15.47
CA GLU A 171 -12.72 -3.45 14.88
C GLU A 171 -12.39 -3.61 13.40
N THR A 172 -11.55 -4.61 13.10
CA THR A 172 -11.16 -4.93 11.74
C THR A 172 -12.07 -6.01 11.19
N ARG A 173 -12.48 -5.82 9.92
CA ARG A 173 -13.32 -6.75 9.24
C ARG A 173 -12.71 -7.07 7.87
N ILE A 174 -12.80 -8.35 7.49
N ILE A 174 -12.84 -8.34 7.49
CA ILE A 174 -12.44 -8.80 6.12
CA ILE A 174 -12.52 -8.76 6.11
C ILE A 174 -13.77 -9.02 5.40
C ILE A 174 -13.84 -8.99 5.41
N TYR A 175 -14.03 -8.21 4.37
CA TYR A 175 -15.22 -8.35 3.50
C TYR A 175 -14.82 -9.13 2.25
N TYR A 176 -15.72 -9.99 1.81
CA TYR A 176 -15.54 -10.76 0.59
C TYR A 176 -16.57 -10.29 -0.41
N PHE A 177 -16.11 -9.57 -1.42
CA PHE A 177 -16.98 -9.02 -2.43
C PHE A 177 -16.96 -9.86 -3.70
N LYS A 178 -18.10 -9.86 -4.42
N LYS A 178 -18.10 -9.86 -4.41
CA LYS A 178 -18.13 -10.40 -5.79
CA LYS A 178 -18.13 -10.38 -5.78
C LYS A 178 -19.12 -9.54 -6.57
C LYS A 178 -19.12 -9.54 -6.57
N GLU A 179 -18.66 -9.00 -7.69
CA GLU A 179 -19.46 -8.05 -8.52
C GLU A 179 -19.97 -6.90 -7.66
N GLY A 180 -19.15 -6.46 -6.71
CA GLY A 180 -19.47 -5.34 -5.85
C GLY A 180 -20.43 -5.64 -4.77
N LYS A 181 -20.90 -6.87 -4.61
CA LYS A 181 -21.84 -7.30 -3.61
C LYS A 181 -21.14 -8.04 -2.50
N ILE A 182 -21.66 -7.93 -1.29
CA ILE A 182 -21.08 -8.59 -0.14
C ILE A 182 -21.53 -10.05 -0.12
N LEU A 183 -20.56 -10.95 -0.24
CA LEU A 183 -20.84 -12.41 -0.03
C LEU A 183 -20.86 -12.73 1.48
N LYS A 184 -19.91 -12.17 2.21
CA LYS A 184 -19.65 -12.53 3.61
C LYS A 184 -18.74 -11.44 4.17
N TRP A 185 -18.74 -11.29 5.48
CA TRP A 185 -17.62 -10.61 6.15
C TRP A 185 -17.30 -11.37 7.40
N GLU A 186 -16.06 -11.21 7.87
N GLU A 186 -16.10 -11.16 7.92
CA GLU A 186 -15.61 -11.80 9.14
CA GLU A 186 -15.81 -11.71 9.20
C GLU A 186 -14.88 -10.80 9.96
C GLU A 186 -14.88 -10.79 9.96
N PRO A 187 -14.94 -10.87 11.30
CA PRO A 187 -14.04 -10.09 12.13
C PRO A 187 -12.63 -10.66 12.04
N LEU A 188 -11.63 -9.81 12.25
CA LEU A 188 -10.24 -10.27 12.36
C LEU A 188 -10.13 -11.34 13.41
N ALA A 189 -9.38 -12.38 13.04
CA ALA A 189 -8.98 -13.46 13.94
C ALA A 189 -7.50 -13.62 13.90
N GLY A 190 -6.99 -14.49 14.74
CA GLY A 190 -5.57 -14.68 14.81
C GLY A 190 -4.90 -13.82 15.84
N THR A 191 -3.55 -13.67 15.71
CA THR A 191 -2.78 -13.04 16.77
C THR A 191 -2.38 -11.61 16.46
N ALA A 192 -2.69 -11.07 15.26
CA ALA A 192 -2.47 -9.64 15.04
C ALA A 192 -3.32 -8.82 16.00
N LYS A 193 -2.74 -7.80 16.66
CA LYS A 193 -3.48 -7.09 17.66
C LYS A 193 -4.06 -5.78 17.15
N HIS A 194 -3.62 -5.29 15.99
CA HIS A 194 -4.13 -4.04 15.40
C HIS A 194 -3.75 -4.12 13.93
N ILE A 195 -4.68 -3.67 13.06
CA ILE A 195 -4.50 -3.77 11.62
C ILE A 195 -4.91 -2.47 10.96
N GLU A 196 -4.06 -1.97 10.08
CA GLU A 196 -4.40 -0.89 9.20
C GLU A 196 -3.68 -1.09 7.85
N GLU A 197 -4.26 -0.53 6.79
CA GLU A 197 -3.51 -0.23 5.54
C GLU A 197 -2.84 -1.48 4.97
N CYS A 198 -3.60 -2.56 4.80
CA CYS A 198 -2.99 -3.77 4.28
C CYS A 198 -2.57 -3.69 2.84
N SER A 199 -1.40 -4.26 2.56
CA SER A 199 -0.80 -4.35 1.23
C SER A 199 -0.82 -5.82 0.85
N CYS A 200 -1.53 -6.14 -0.26
CA CYS A 200 -1.85 -7.54 -0.56
C CYS A 200 -1.32 -7.99 -1.90
N TYR A 201 -1.14 -9.29 -2.03
CA TYR A 201 -0.83 -9.95 -3.31
C TYR A 201 -1.38 -11.37 -3.27
N GLY A 202 -1.53 -11.97 -4.44
CA GLY A 202 -2.04 -13.32 -4.54
C GLY A 202 -1.17 -14.25 -5.30
N GLU A 203 -1.17 -15.52 -4.89
CA GLU A 203 -0.40 -16.56 -5.61
C GLU A 203 -0.97 -17.90 -5.16
N ARG A 204 -1.09 -18.84 -6.08
N ARG A 204 -1.13 -18.81 -6.10
CA ARG A 204 -1.55 -20.18 -5.76
CA ARG A 204 -1.63 -20.15 -5.81
C ARG A 204 -2.77 -20.14 -4.82
C ARG A 204 -2.80 -20.15 -4.84
N ALA A 205 -3.83 -19.41 -5.24
CA ALA A 205 -5.16 -19.41 -4.59
C ALA A 205 -5.09 -19.00 -3.12
N GLU A 206 -4.12 -18.13 -2.78
CA GLU A 206 -4.01 -17.56 -1.42
C GLU A 206 -3.68 -16.09 -1.56
N ILE A 207 -4.24 -15.27 -0.71
CA ILE A 207 -3.95 -13.82 -0.70
C ILE A 207 -3.20 -13.51 0.59
N THR A 208 -2.05 -12.84 0.46
CA THR A 208 -1.25 -12.47 1.62
C THR A 208 -1.24 -10.97 1.72
N CYS A 209 -1.53 -10.47 2.93
CA CYS A 209 -1.56 -9.04 3.20
C CYS A 209 -0.60 -8.71 4.33
N THR A 210 0.25 -7.68 4.09
CA THR A 210 1.17 -7.19 5.12
C THR A 210 0.66 -5.82 5.54
N CYS A 211 0.45 -5.63 6.84
CA CYS A 211 -0.29 -4.47 7.29
C CYS A 211 0.51 -3.63 8.27
N ARG A 212 -0.16 -2.66 8.87
CA ARG A 212 0.42 -1.73 9.85
C ARG A 212 -0.31 -1.90 11.16
N ASP A 213 0.45 -2.27 12.20
CA ASP A 213 -0.08 -2.28 13.58
C ASP A 213 0.27 -0.90 14.13
N ASN A 214 -0.67 0.02 14.07
CA ASN A 214 -0.37 1.40 14.48
C ASN A 214 -0.17 1.50 15.99
N TRP A 215 -0.89 0.66 16.72
CA TRP A 215 -0.95 0.77 18.14
C TRP A 215 0.37 0.41 18.83
N GLN A 216 0.89 -0.78 18.52
N GLN A 216 0.86 -0.82 18.60
CA GLN A 216 2.03 -1.27 19.31
CA GLN A 216 1.98 -1.38 19.40
C GLN A 216 3.21 -1.84 18.52
C GLN A 216 3.18 -1.88 18.57
N GLY A 217 2.98 -2.32 17.33
CA GLY A 217 3.98 -3.23 16.74
C GLY A 217 4.92 -2.55 15.75
N SER A 218 6.21 -2.83 15.87
CA SER A 218 7.19 -2.41 14.88
C SER A 218 7.56 -3.50 13.89
N ASN A 219 7.18 -4.74 14.25
CA ASN A 219 7.01 -5.78 13.26
C ASN A 219 5.63 -5.58 12.62
N ARG A 220 5.46 -6.15 11.43
CA ARG A 220 4.19 -5.97 10.71
C ARG A 220 3.27 -7.17 10.86
N PRO A 221 1.98 -6.92 11.07
CA PRO A 221 0.99 -8.01 11.04
C PRO A 221 0.81 -8.51 9.60
N VAL A 222 0.47 -9.79 9.52
CA VAL A 222 0.23 -10.45 8.23
C VAL A 222 -1.11 -11.15 8.34
N ILE A 223 -1.96 -10.93 7.35
CA ILE A 223 -3.23 -11.64 7.21
C ILE A 223 -3.10 -12.52 5.96
N ARG A 224 -3.44 -13.79 6.09
N ARG A 224 -3.44 -13.79 6.09
N ARG A 224 -3.42 -13.80 6.09
CA ARG A 224 -3.47 -14.67 4.92
CA ARG A 224 -3.45 -14.68 4.92
CA ARG A 224 -3.47 -14.67 4.92
C ARG A 224 -4.89 -15.17 4.72
C ARG A 224 -4.88 -15.18 4.72
C ARG A 224 -4.89 -15.17 4.72
N ILE A 225 -5.38 -14.98 3.49
CA ILE A 225 -6.80 -15.18 3.17
C ILE A 225 -6.92 -16.28 2.13
N ASP A 226 -7.86 -17.21 2.42
CA ASP A 226 -8.29 -18.23 1.44
C ASP A 226 -9.53 -17.67 0.81
N PRO A 227 -9.50 -17.18 -0.46
CA PRO A 227 -10.66 -16.55 -1.06
C PRO A 227 -11.72 -17.51 -1.59
N VAL A 228 -11.46 -18.81 -1.51
CA VAL A 228 -12.43 -19.87 -1.85
C VAL A 228 -13.22 -20.21 -0.61
N ALA A 229 -12.53 -20.62 0.47
CA ALA A 229 -13.25 -20.87 1.76
C ALA A 229 -13.77 -19.60 2.37
N MET A 230 -13.18 -18.47 1.97
CA MET A 230 -13.49 -17.16 2.60
C MET A 230 -13.20 -17.16 4.09
N THR A 231 -11.97 -17.54 4.38
CA THR A 231 -11.47 -17.59 5.75
C THR A 231 -10.07 -16.99 5.79
N HIS A 232 -9.61 -16.66 6.99
CA HIS A 232 -8.28 -16.07 7.08
C HIS A 232 -7.62 -16.44 8.41
N THR A 233 -6.30 -16.16 8.47
N THR A 233 -6.32 -16.13 8.48
CA THR A 233 -5.47 -16.21 9.66
CA THR A 233 -5.59 -16.17 9.68
C THR A 233 -4.76 -14.89 9.79
C THR A 233 -4.76 -14.90 9.78
N SER A 234 -4.19 -14.66 10.98
CA SER A 234 -3.28 -13.50 11.15
C SER A 234 -2.18 -13.87 12.15
N GLN A 235 -1.05 -13.22 11.96
N GLN A 235 -1.06 -13.19 11.96
CA GLN A 235 0.15 -13.31 12.84
CA GLN A 235 0.14 -13.29 12.82
C GLN A 235 1.00 -12.07 12.53
C GLN A 235 1.02 -12.09 12.46
N TYR A 236 2.22 -12.07 13.01
CA TYR A 236 3.20 -11.02 12.67
C TYR A 236 4.37 -11.65 11.91
N ILE A 237 5.07 -10.86 11.14
CA ILE A 237 6.33 -11.28 10.62
C ILE A 237 7.29 -11.55 11.81
N CYS A 238 7.80 -12.76 11.88
N CYS A 238 7.85 -12.73 11.99
CA CYS A 238 8.60 -13.25 13.00
CA CYS A 238 8.57 -12.85 13.25
C CYS A 238 9.99 -12.56 13.04
C CYS A 238 10.06 -12.51 13.09
N SER A 239 10.50 -12.18 11.88
CA SER A 239 11.88 -11.77 11.77
C SER A 239 12.20 -10.59 12.66
N PRO A 240 13.45 -10.54 13.16
CA PRO A 240 13.95 -9.35 13.86
C PRO A 240 14.32 -8.18 12.96
N VAL A 241 14.17 -8.35 11.62
CA VAL A 241 14.32 -7.25 10.68
C VAL A 241 12.99 -6.51 10.73
N LEU A 242 12.93 -5.45 11.56
CA LEU A 242 11.67 -4.79 11.80
C LEU A 242 11.36 -3.78 10.64
N THR A 243 10.09 -3.75 10.22
CA THR A 243 9.80 -3.02 8.99
C THR A 243 8.75 -1.94 9.08
N ASP A 244 8.24 -1.60 10.25
CA ASP A 244 7.40 -0.41 10.37
C ASP A 244 8.32 0.81 10.58
N ASN A 245 7.70 1.96 10.78
CA ASN A 245 8.43 3.22 11.00
C ASN A 245 7.49 4.17 11.72
N PRO A 246 7.95 4.91 12.74
CA PRO A 246 9.23 4.74 13.42
C PRO A 246 9.32 3.35 14.08
N ARG A 247 10.49 2.97 14.50
CA ARG A 247 10.68 1.66 15.08
C ARG A 247 11.94 1.71 15.93
N PRO A 248 12.10 0.76 16.85
CA PRO A 248 13.38 0.62 17.54
C PRO A 248 14.41 -0.01 16.60
N ASN A 249 15.66 -0.05 17.06
CA ASN A 249 16.68 -0.77 16.31
C ASN A 249 16.34 -2.27 16.23
N ASP A 250 16.92 -2.92 15.23
CA ASP A 250 16.67 -4.35 15.03
C ASP A 250 17.28 -5.13 16.19
N PRO A 251 16.49 -6.05 16.76
CA PRO A 251 16.99 -6.99 17.75
C PRO A 251 17.60 -8.21 17.08
N THR A 252 17.85 -9.22 17.88
N THR A 252 17.89 -9.26 17.83
CA THR A 252 18.32 -10.49 17.44
CA THR A 252 18.33 -10.54 17.26
C THR A 252 17.20 -11.49 17.22
C THR A 252 17.20 -11.56 17.21
N VAL A 253 16.11 -11.38 17.98
N VAL A 253 16.11 -11.32 17.97
CA VAL A 253 15.03 -12.30 17.82
CA VAL A 253 14.94 -12.17 18.04
C VAL A 253 13.76 -11.43 17.86
C VAL A 253 13.71 -11.30 17.83
N GLY A 254 12.87 -11.68 16.89
CA GLY A 254 11.60 -10.98 16.77
C GLY A 254 10.46 -11.63 17.55
N LYS A 255 9.23 -11.36 17.11
CA LYS A 255 7.99 -11.86 17.73
C LYS A 255 7.06 -12.30 16.61
N CYS A 256 6.56 -13.54 16.71
CA CYS A 256 5.65 -14.09 15.71
C CYS A 256 4.16 -13.82 15.99
N ASN A 257 3.77 -13.65 17.26
CA ASN A 257 2.38 -13.66 17.64
C ASN A 257 2.03 -12.49 18.56
N ASP A 258 2.84 -11.44 18.57
N ASP A 258 2.88 -11.45 18.58
CA ASP A 258 2.50 -10.27 19.25
CA ASP A 258 2.86 -10.36 19.53
C ASP A 258 3.34 -9.15 18.69
C ASP A 258 3.44 -9.15 18.78
N PRO A 259 2.99 -7.90 19.01
CA PRO A 259 3.68 -6.76 18.45
C PRO A 259 5.05 -6.60 19.13
N TYR A 260 6.06 -6.34 18.31
CA TYR A 260 7.42 -6.06 18.84
C TYR A 260 7.37 -4.63 19.36
N PRO A 261 7.64 -4.41 20.65
CA PRO A 261 7.46 -3.10 21.24
C PRO A 261 8.61 -2.12 21.03
N GLY A 262 8.40 -0.91 21.52
CA GLY A 262 9.36 0.18 21.48
C GLY A 262 8.84 1.46 20.92
N ASN A 263 7.83 1.36 20.09
CA ASN A 263 7.20 2.50 19.43
C ASN A 263 5.69 2.24 19.48
N ASN A 264 4.96 3.25 19.97
N ASN A 264 4.94 3.35 19.96
CA ASN A 264 3.50 3.20 20.06
CA ASN A 264 3.50 3.28 20.11
C ASN A 264 2.84 4.27 19.21
C ASN A 264 2.83 4.30 19.21
N ASN A 265 1.62 3.97 18.79
CA ASN A 265 0.69 4.97 18.22
C ASN A 265 1.22 5.69 16.98
N ASN A 266 1.88 4.95 16.09
CA ASN A 266 2.34 5.51 14.84
C ASN A 266 2.74 4.35 13.93
N GLY A 267 3.04 4.67 12.68
CA GLY A 267 3.44 3.61 11.76
C GLY A 267 3.47 4.21 10.36
N VAL A 268 3.63 3.32 9.39
CA VAL A 268 3.58 3.69 7.97
C VAL A 268 3.02 2.48 7.24
N LYS A 269 2.29 2.70 6.15
CA LYS A 269 1.92 1.57 5.28
C LYS A 269 3.13 0.99 4.63
N GLY A 270 3.24 -0.35 4.62
CA GLY A 270 4.33 -1.04 3.98
C GLY A 270 3.88 -2.38 3.46
N PHE A 271 4.86 -3.22 3.05
CA PHE A 271 4.58 -4.47 2.36
C PHE A 271 5.67 -5.46 2.51
N SER A 272 5.38 -6.70 2.12
CA SER A 272 6.41 -7.75 1.97
C SER A 272 5.93 -8.75 0.94
N TYR A 273 6.86 -9.59 0.50
CA TYR A 273 6.56 -10.80 -0.26
C TYR A 273 7.11 -11.96 0.57
N LEU A 274 6.23 -12.85 1.01
CA LEU A 274 6.56 -13.89 1.99
C LEU A 274 6.44 -15.24 1.30
N ASP A 275 7.55 -15.80 0.88
CA ASP A 275 7.54 -16.96 -0.02
C ASP A 275 8.75 -17.83 0.32
N GLY A 276 8.90 -18.26 1.61
CA GLY A 276 10.01 -19.17 1.95
C GLY A 276 11.34 -18.46 1.78
N VAL A 277 12.27 -19.11 1.09
N VAL A 277 12.28 -19.10 1.11
CA VAL A 277 13.58 -18.49 0.86
CA VAL A 277 13.57 -18.46 0.90
C VAL A 277 13.49 -17.31 -0.12
C VAL A 277 13.39 -17.20 0.02
N ASN A 278 12.38 -17.22 -0.87
CA ASN A 278 12.14 -16.11 -1.79
C ASN A 278 11.36 -14.98 -1.14
N THR A 279 11.76 -14.62 0.07
CA THR A 279 11.09 -13.59 0.87
C THR A 279 11.90 -12.30 0.83
N TRP A 280 11.17 -11.23 0.51
CA TRP A 280 11.73 -9.86 0.50
C TRP A 280 10.84 -8.93 1.28
N LEU A 281 11.47 -8.14 2.16
CA LEU A 281 10.80 -7.14 2.97
C LEU A 281 11.19 -5.75 2.52
N GLY A 282 10.25 -4.84 2.45
CA GLY A 282 10.55 -3.42 2.27
C GLY A 282 10.60 -2.72 3.60
N ARG A 283 11.41 -1.65 3.70
CA ARG A 283 11.37 -0.78 4.87
C ARG A 283 12.01 0.57 4.55
N THR A 284 11.63 1.57 5.35
CA THR A 284 12.39 2.79 5.39
C THR A 284 13.79 2.49 5.93
N ILE A 285 14.80 3.27 5.52
CA ILE A 285 16.12 3.09 6.10
C ILE A 285 16.19 3.66 7.50
N SER A 286 15.67 4.89 7.64
CA SER A 286 15.60 5.53 8.97
C SER A 286 14.69 4.76 9.86
N ILE A 287 15.10 4.70 11.15
CA ILE A 287 14.19 4.16 12.21
C ILE A 287 13.29 5.26 12.80
N ALA A 288 13.55 6.51 12.44
CA ALA A 288 12.87 7.63 13.10
C ALA A 288 11.81 8.25 12.18
N SER A 289 11.98 8.31 10.87
N SER A 289 12.04 8.30 10.86
CA SER A 289 11.09 9.06 9.98
CA SER A 289 11.24 9.10 9.93
C SER A 289 11.02 8.36 8.64
C SER A 289 11.07 8.36 8.61
N ARG A 290 10.15 8.86 7.78
CA ARG A 290 9.89 8.27 6.46
C ARG A 290 10.96 8.76 5.52
N SER A 291 12.18 8.28 5.79
N SER A 291 12.15 8.17 5.69
CA SER A 291 13.38 8.58 5.02
CA SER A 291 13.38 8.57 5.07
C SER A 291 14.05 7.30 4.55
C SER A 291 14.08 7.33 4.56
N GLY A 292 14.43 7.33 3.28
CA GLY A 292 15.08 6.20 2.61
C GLY A 292 14.10 5.07 2.39
N TYR A 293 14.54 4.09 1.59
CA TYR A 293 13.76 2.89 1.37
C TYR A 293 14.68 1.83 0.81
N GLU A 294 14.54 0.62 1.36
CA GLU A 294 15.32 -0.52 0.96
C GLU A 294 14.48 -1.78 0.93
N MET A 295 14.94 -2.69 0.08
CA MET A 295 14.43 -4.07 0.05
C MET A 295 15.49 -4.98 0.62
N LEU A 296 15.07 -5.92 1.45
CA LEU A 296 15.99 -6.88 2.08
C LEU A 296 15.45 -8.27 1.82
N LYS A 297 16.29 -9.17 1.36
CA LYS A 297 15.97 -10.57 1.20
C LYS A 297 16.18 -11.23 2.58
N VAL A 298 15.09 -11.73 3.15
CA VAL A 298 15.11 -12.26 4.52
C VAL A 298 14.47 -13.62 4.47
N PRO A 299 15.23 -14.68 4.12
CA PRO A 299 14.63 -16.02 3.98
C PRO A 299 13.77 -16.39 5.18
N ASN A 300 12.58 -16.86 4.94
CA ASN A 300 11.63 -17.36 5.97
C ASN A 300 11.30 -16.30 7.01
N ALA A 301 11.26 -15.00 6.62
CA ALA A 301 10.92 -13.94 7.57
C ALA A 301 9.65 -14.24 8.29
N LEU A 302 8.65 -14.79 7.62
CA LEU A 302 7.36 -14.93 8.29
C LEU A 302 7.43 -15.84 9.50
N THR A 303 8.23 -16.90 9.40
CA THR A 303 8.22 -18.00 10.32
C THR A 303 9.46 -18.14 11.21
N ASP A 304 10.55 -17.47 10.83
CA ASP A 304 11.85 -17.63 11.51
C ASP A 304 12.17 -16.39 12.32
N ASP A 305 12.09 -16.50 13.65
CA ASP A 305 12.23 -15.38 14.60
C ASP A 305 13.68 -14.92 14.79
N LYS A 306 14.60 -15.50 14.04
CA LYS A 306 16.01 -15.05 14.05
C LYS A 306 16.51 -14.66 12.64
N SER A 307 15.63 -14.70 11.63
CA SER A 307 16.04 -14.50 10.23
C SER A 307 16.58 -13.10 9.96
N LYS A 308 17.73 -13.02 9.31
CA LYS A 308 18.45 -11.85 8.95
C LYS A 308 18.66 -11.77 7.44
N PRO A 309 19.04 -10.59 6.92
CA PRO A 309 19.14 -10.48 5.47
C PRO A 309 20.26 -11.32 4.86
N THR A 310 20.04 -11.76 3.64
CA THR A 310 21.06 -12.43 2.84
C THR A 310 21.40 -11.67 1.57
N GLN A 311 20.65 -10.59 1.25
CA GLN A 311 20.85 -9.80 0.05
C GLN A 311 19.98 -8.55 0.25
N GLY A 312 20.23 -7.48 -0.50
CA GLY A 312 19.38 -6.33 -0.44
C GLY A 312 19.48 -5.44 -1.65
N GLN A 313 18.63 -4.43 -1.65
CA GLN A 313 18.71 -3.42 -2.69
C GLN A 313 18.21 -2.10 -2.13
N THR A 314 19.04 -1.06 -2.24
N THR A 314 19.01 -1.04 -2.22
CA THR A 314 18.57 0.29 -1.88
CA THR A 314 18.54 0.26 -1.77
C THR A 314 17.68 0.80 -2.97
C THR A 314 17.77 0.94 -2.91
N ILE A 315 16.56 1.39 -2.59
CA ILE A 315 15.61 1.97 -3.56
C ILE A 315 15.67 3.51 -3.49
N VAL A 316 15.70 4.07 -2.28
CA VAL A 316 15.75 5.52 -2.03
C VAL A 316 16.82 5.74 -0.98
N LEU A 317 17.78 6.62 -1.22
CA LEU A 317 18.78 6.83 -0.21
C LEU A 317 18.14 7.44 1.04
N ASN A 318 18.83 7.26 2.21
CA ASN A 318 18.38 7.81 3.46
C ASN A 318 18.55 9.34 3.55
N THR A 319 19.07 9.99 2.51
CA THR A 319 19.09 11.42 2.38
C THR A 319 17.93 11.94 1.53
N ASP A 320 16.95 11.07 1.21
CA ASP A 320 15.74 11.41 0.47
C ASP A 320 14.52 10.89 1.21
N TRP A 321 13.43 11.63 1.04
CA TRP A 321 12.16 11.28 1.67
C TRP A 321 11.45 10.15 0.95
N SER A 322 10.87 9.25 1.77
CA SER A 322 10.03 8.16 1.25
C SER A 322 8.59 8.38 1.76
N GLY A 323 7.91 7.33 2.23
CA GLY A 323 6.49 7.37 2.49
C GLY A 323 5.90 6.00 2.50
N TYR A 324 4.61 5.94 2.19
CA TYR A 324 3.91 4.65 2.10
C TYR A 324 4.55 3.77 1.01
N SER A 325 4.36 2.47 1.16
CA SER A 325 4.73 1.53 0.13
C SER A 325 3.73 0.39 0.13
N GLY A 326 3.60 -0.26 -1.03
CA GLY A 326 2.58 -1.31 -1.19
C GLY A 326 2.92 -2.20 -2.35
N SER A 327 2.20 -3.32 -2.35
CA SER A 327 2.34 -4.39 -3.36
C SER A 327 1.25 -4.33 -4.44
N PHE A 328 1.64 -4.82 -5.59
CA PHE A 328 0.70 -5.09 -6.71
C PHE A 328 1.46 -6.02 -7.66
N MET A 329 0.70 -6.71 -8.48
CA MET A 329 1.29 -7.51 -9.58
C MET A 329 0.40 -7.40 -10.80
N ASP A 330 1.01 -7.62 -11.94
CA ASP A 330 0.25 -7.73 -13.21
C ASP A 330 -0.17 -9.20 -13.35
N TYR A 331 -1.38 -9.50 -12.90
CA TYR A 331 -1.94 -10.86 -12.93
C TYR A 331 -2.34 -11.29 -14.34
N TRP A 332 -2.13 -10.44 -15.33
CA TRP A 332 -2.47 -10.72 -16.71
C TRP A 332 -1.25 -10.74 -17.63
N ALA A 333 -0.07 -10.78 -17.09
CA ALA A 333 1.18 -10.88 -17.85
C ALA A 333 1.36 -12.29 -18.43
N GLU A 334 2.24 -12.38 -19.40
CA GLU A 334 2.59 -13.64 -19.98
C GLU A 334 3.55 -14.40 -19.09
N GLY A 335 3.68 -15.68 -19.27
CA GLY A 335 4.68 -16.47 -18.56
C GLY A 335 4.08 -17.36 -17.48
N GLU A 336 4.98 -17.97 -16.74
CA GLU A 336 4.64 -19.06 -15.85
C GLU A 336 4.49 -18.65 -14.41
N CYS A 337 4.86 -17.45 -14.03
N CYS A 337 4.83 -17.42 -14.08
CA CYS A 337 4.90 -17.00 -12.65
CA CYS A 337 4.92 -16.97 -12.72
C CYS A 337 4.46 -15.54 -12.62
C CYS A 337 4.40 -15.54 -12.65
N TYR A 338 4.00 -15.14 -11.45
CA TYR A 338 3.64 -13.73 -11.19
C TYR A 338 4.90 -12.97 -10.70
N ARG A 339 5.14 -11.85 -11.35
CA ARG A 339 6.29 -11.02 -11.00
C ARG A 339 5.87 -10.03 -9.91
N ALA A 340 6.49 -10.13 -8.73
CA ALA A 340 6.28 -9.23 -7.64
C ALA A 340 6.60 -7.81 -8.06
N CYS A 341 5.74 -6.87 -7.64
CA CYS A 341 6.02 -5.43 -7.84
C CYS A 341 5.67 -4.66 -6.56
N PHE A 342 6.22 -3.46 -6.49
CA PHE A 342 5.86 -2.58 -5.41
C PHE A 342 5.98 -1.15 -5.84
N TYR A 343 5.42 -0.24 -5.05
CA TYR A 343 5.64 1.19 -5.22
C TYR A 343 6.10 1.78 -3.90
N VAL A 344 6.74 2.96 -4.00
CA VAL A 344 7.05 3.80 -2.85
C VAL A 344 6.52 5.19 -3.15
N GLU A 345 5.75 5.72 -2.21
CA GLU A 345 5.31 7.09 -2.18
C GLU A 345 6.47 7.95 -1.67
N LEU A 346 6.82 8.97 -2.47
CA LEU A 346 7.93 9.88 -2.15
C LEU A 346 7.30 11.19 -1.69
N ILE A 347 7.11 11.33 -0.37
CA ILE A 347 6.37 12.47 0.17
C ILE A 347 7.24 13.71 0.20
N ARG A 348 6.70 14.81 -0.34
CA ARG A 348 7.35 16.10 -0.28
C ARG A 348 6.46 17.11 0.40
N GLY A 349 7.08 18.13 1.00
CA GLY A 349 6.35 19.15 1.75
C GLY A 349 6.16 18.74 3.18
N ARG A 350 5.03 19.17 3.72
CA ARG A 350 4.83 19.05 5.19
C ARG A 350 4.64 17.59 5.62
N PRO A 351 5.08 17.29 6.85
CA PRO A 351 5.65 18.17 7.86
C PRO A 351 7.19 18.32 7.77
N LYS A 352 7.88 17.48 6.99
N LYS A 352 7.88 17.48 6.99
CA LYS A 352 9.31 17.48 7.03
CA LYS A 352 9.31 17.47 7.01
C LYS A 352 9.93 18.65 6.30
C LYS A 352 9.93 18.64 6.29
N GLU A 353 9.23 19.19 5.29
CA GLU A 353 9.70 20.32 4.50
C GLU A 353 8.67 21.43 4.63
N ASP A 354 8.77 22.18 5.73
CA ASP A 354 7.71 23.07 6.10
C ASP A 354 7.89 24.51 5.59
N LYS A 355 8.82 24.70 4.64
CA LYS A 355 8.89 25.98 3.97
C LYS A 355 7.81 26.18 2.91
N VAL A 356 7.18 25.07 2.49
CA VAL A 356 5.99 25.10 1.69
C VAL A 356 4.82 24.80 2.58
N TRP A 357 3.61 25.13 2.13
CA TRP A 357 2.38 24.94 2.89
C TRP A 357 1.59 23.71 2.51
N TRP A 358 2.13 22.95 1.52
CA TRP A 358 1.43 21.78 1.01
C TRP A 358 2.17 20.51 1.43
N THR A 359 1.48 19.39 1.22
CA THR A 359 2.02 18.05 1.24
C THR A 359 1.59 17.35 -0.01
N SER A 360 2.51 16.72 -0.74
CA SER A 360 2.17 15.94 -1.91
C SER A 360 3.17 14.81 -2.00
N ASN A 361 3.22 14.14 -3.13
CA ASN A 361 4.14 13.04 -3.33
C ASN A 361 4.36 12.80 -4.78
N SER A 362 5.41 12.04 -5.10
CA SER A 362 5.49 11.36 -6.39
C SER A 362 5.55 9.85 -6.14
N ILE A 363 5.66 9.08 -7.24
CA ILE A 363 5.68 7.64 -7.18
C ILE A 363 6.92 7.12 -7.84
N VAL A 364 7.53 6.10 -7.22
CA VAL A 364 8.45 5.21 -7.94
C VAL A 364 7.94 3.79 -7.71
N SER A 365 8.17 2.95 -8.71
N SER A 365 8.16 2.94 -8.71
CA SER A 365 7.65 1.60 -8.68
CA SER A 365 7.71 1.56 -8.61
C SER A 365 8.67 0.67 -9.34
C SER A 365 8.72 0.67 -9.32
N MET A 366 8.80 -0.54 -8.81
N MET A 366 8.87 -0.55 -8.77
CA MET A 366 9.75 -1.52 -9.29
CA MET A 366 9.82 -1.54 -9.23
C MET A 366 9.10 -2.89 -9.33
C MET A 366 9.10 -2.88 -9.34
N CYS A 367 9.63 -3.76 -10.19
CA CYS A 367 9.21 -5.14 -10.22
C CYS A 367 10.42 -6.07 -10.15
N SER A 368 10.19 -7.33 -9.83
CA SER A 368 11.33 -8.24 -9.66
C SER A 368 11.90 -8.73 -10.95
N SER A 369 13.20 -9.02 -10.87
CA SER A 369 13.95 -9.65 -11.94
C SER A 369 14.54 -10.96 -11.43
N THR A 370 14.65 -11.93 -12.32
CA THR A 370 15.43 -13.12 -12.05
C THR A 370 16.95 -12.93 -12.26
N GLU A 371 17.33 -11.80 -12.86
CA GLU A 371 18.75 -11.41 -12.93
C GLU A 371 19.14 -10.77 -11.61
N PHE A 372 20.44 -10.60 -11.37
CA PHE A 372 21.02 -9.84 -10.28
C PHE A 372 21.45 -8.49 -10.79
N LEU A 373 20.49 -7.56 -10.92
CA LEU A 373 20.75 -6.29 -11.58
C LEU A 373 21.44 -5.28 -10.65
N GLY A 374 22.26 -4.43 -11.30
CA GLY A 374 22.78 -3.26 -10.61
C GLY A 374 21.69 -2.37 -10.05
N GLN A 375 22.02 -1.64 -9.00
N GLN A 375 22.02 -1.64 -8.99
CA GLN A 375 21.08 -0.79 -8.27
CA GLN A 375 21.05 -0.79 -8.32
C GLN A 375 21.35 0.69 -8.49
C GLN A 375 21.35 0.69 -8.50
N TRP A 376 20.26 1.47 -8.66
CA TRP A 376 20.32 2.91 -8.55
C TRP A 376 19.42 3.30 -7.40
N ASP A 377 19.45 4.58 -7.03
CA ASP A 377 18.48 5.13 -6.08
C ASP A 377 17.57 6.06 -6.88
N TRP A 378 16.34 6.20 -6.39
CA TRP A 378 15.26 6.83 -7.16
C TRP A 378 14.55 7.88 -6.31
N PRO A 379 15.13 9.07 -6.17
CA PRO A 379 14.49 10.12 -5.38
C PRO A 379 13.37 10.78 -6.12
N ASP A 380 12.58 11.57 -5.37
CA ASP A 380 11.56 12.37 -6.01
C ASP A 380 12.14 13.33 -7.06
N GLY A 381 13.22 14.04 -6.67
CA GLY A 381 13.93 14.90 -7.59
C GLY A 381 13.56 16.34 -7.63
N ALA A 382 12.53 16.77 -6.90
CA ALA A 382 12.16 18.20 -6.95
C ALA A 382 12.99 18.97 -5.92
N LYS A 383 13.14 20.26 -6.23
N LYS A 383 13.17 20.26 -6.24
CA LYS A 383 13.81 21.16 -5.32
CA LYS A 383 13.82 21.19 -5.33
C LYS A 383 12.80 22.08 -4.64
C LYS A 383 12.80 22.09 -4.64
N ILE A 384 12.65 21.94 -3.34
CA ILE A 384 11.67 22.76 -2.59
C ILE A 384 11.91 24.24 -2.78
N GLU A 385 13.16 24.69 -2.90
N GLU A 385 13.16 24.66 -2.89
CA GLU A 385 13.43 26.13 -3.00
CA GLU A 385 13.41 26.08 -3.02
C GLU A 385 12.71 26.72 -4.23
C GLU A 385 12.68 26.69 -4.21
N TYR A 386 12.47 25.91 -5.29
CA TYR A 386 11.79 26.42 -6.47
C TYR A 386 10.32 26.82 -6.21
N PHE A 387 9.73 26.21 -5.18
CA PHE A 387 8.33 26.44 -4.81
C PHE A 387 8.10 27.60 -3.83
N LEU A 388 9.18 28.27 -3.45
CA LEU A 388 9.06 29.39 -2.47
C LEU A 388 8.91 30.73 -3.17
C1 NAG B . -24.81 10.27 11.65
C2 NAG B . -25.36 11.29 12.64
C3 NAG B . -26.86 11.16 12.85
C4 NAG B . -27.54 11.15 11.52
C5 NAG B . -27.01 10.02 10.65
C6 NAG B . -27.68 9.84 9.33
C7 NAG B . -23.92 12.14 14.46
C8 NAG B . -23.26 11.73 15.73
N2 NAG B . -24.63 11.17 13.90
O3 NAG B . -27.31 12.29 13.64
O4 NAG B . -28.97 10.92 11.75
O5 NAG B . -25.62 10.31 10.45
O6 NAG B . -27.70 11.05 8.59
O7 NAG B . -23.74 13.23 13.93
C1 NAG B . -29.79 11.82 11.07
C2 NAG B . -31.22 11.24 10.86
C3 NAG B . -31.99 12.24 10.08
C4 NAG B . -32.09 13.53 10.86
C5 NAG B . -30.66 14.03 11.25
C6 NAG B . -30.66 15.20 12.15
C7 NAG B . -31.24 8.80 10.69
C8 NAG B . -31.24 7.62 9.76
N2 NAG B . -31.12 10.00 10.14
O3 NAG B . -33.29 11.76 9.70
O4 NAG B . -32.69 14.55 10.04
O5 NAG B . -29.95 12.96 11.90
O6 NAG B . -31.29 14.90 13.39
O7 NAG B . -31.31 8.64 11.93
C1 BMA B . -33.78 15.21 10.60
C2 BMA B . -34.03 16.50 9.82
C3 BMA B . -35.31 17.13 10.27
C4 BMA B . -36.49 16.14 10.27
C5 BMA B . -36.11 14.89 11.07
C6 BMA B . -37.15 13.83 11.06
O2 BMA B . -34.10 16.15 8.44
O3 BMA B . -35.59 18.23 9.41
O4 BMA B . -37.66 16.73 10.85
O5 BMA B . -34.91 14.34 10.50
O6 BMA B . -36.98 12.84 12.08
C1 MAN B . -36.10 19.40 10.02
C2 MAN B . -36.64 20.33 8.95
C3 MAN B . -35.49 20.77 8.13
C4 MAN B . -34.44 21.50 9.00
C5 MAN B . -33.95 20.48 10.05
C6 MAN B . -33.01 21.14 10.99
O2 MAN B . -37.24 21.31 9.80
O3 MAN B . -35.96 21.64 7.09
O4 MAN B . -33.38 21.97 8.21
O5 MAN B . -35.07 19.99 10.79
O6 MAN B . -32.43 20.16 11.81
C1 MAN B . -37.91 22.33 9.12
C2 MAN B . -38.30 23.35 10.22
C3 MAN B . -39.37 22.77 11.12
C4 MAN B . -40.55 22.31 10.24
C5 MAN B . -40.08 21.35 9.19
C6 MAN B . -41.18 20.95 8.19
O2 MAN B . -38.76 24.55 9.59
O3 MAN B . -39.76 23.75 12.06
O4 MAN B . -41.49 21.67 11.07
O5 MAN B . -39.01 21.94 8.39
O6 MAN B . -42.02 21.98 7.74
C1 MAN B . -37.92 25.69 9.60
C2 MAN B . -38.73 26.85 9.14
C3 MAN B . -39.05 26.67 7.63
C4 MAN B . -37.74 26.54 6.85
C5 MAN B . -37.00 25.31 7.40
C6 MAN B . -35.67 25.09 6.77
O2 MAN B . -38.01 28.08 9.34
O3 MAN B . -39.83 27.79 7.16
O4 MAN B . -38.01 26.27 5.46
O5 MAN B . -36.77 25.47 8.79
O6 MAN B . -34.78 26.18 6.96
C1 MAN B . -37.60 13.20 13.33
C2 MAN B . -37.16 12.18 14.36
C3 MAN B . -37.72 10.80 14.02
C4 MAN B . -39.23 10.92 13.89
C5 MAN B . -39.57 12.00 12.86
C6 MAN B . -41.07 12.21 12.62
O2 MAN B . -37.57 12.63 15.64
O3 MAN B . -37.44 9.87 15.04
O4 MAN B . -39.84 9.67 13.50
O5 MAN B . -38.99 13.21 13.19
O6 MAN B . -41.64 12.45 13.92
C1 MAN B . -43.05 12.73 14.01
C2 MAN B . -43.55 12.90 15.42
C3 MAN B . -43.23 11.56 16.04
C4 MAN B . -43.90 10.35 15.26
C5 MAN B . -43.52 10.29 13.80
C6 MAN B . -44.47 9.44 12.91
O2 MAN B . -44.99 13.20 15.45
O3 MAN B . -43.65 11.60 17.42
O4 MAN B . -43.49 9.07 15.82
O5 MAN B . -43.71 11.64 13.38
O6 MAN B . -44.74 9.98 11.47
C1 MAN B . -45.15 14.62 15.50
C2 MAN B . -46.56 14.82 16.03
C3 MAN B . -47.48 14.08 15.04
C4 MAN B . -47.42 14.79 13.70
C5 MAN B . -45.99 15.02 13.21
C6 MAN B . -45.91 16.17 12.18
O2 MAN B . -46.74 16.23 16.13
O3 MAN B . -48.84 14.04 15.45
O4 MAN B . -48.09 13.96 12.73
O5 MAN B . -45.01 15.34 14.25
O6 MAN B . -44.42 16.37 11.72
C1 MAN B . -36.60 8.76 14.60
C2 MAN B . -36.61 7.74 15.73
C3 MAN B . -35.83 8.32 16.93
C4 MAN B . -34.43 8.76 16.53
C5 MAN B . -34.54 9.75 15.40
C6 MAN B . -33.19 10.09 14.77
O2 MAN B . -36.05 6.52 15.23
O3 MAN B . -35.76 7.37 17.96
O4 MAN B . -33.68 9.40 17.60
O5 MAN B . -35.32 9.19 14.28
O6 MAN B . -33.23 11.35 13.92
C1 NAG C . -1.68 28.97 4.79
C2 NAG C . -1.38 30.43 4.64
C3 NAG C . -0.84 30.94 5.97
C4 NAG C . -1.75 30.62 7.06
C5 NAG C . -2.13 29.16 7.12
C6 NAG C . -3.20 28.60 8.06
C7 NAG C . -0.74 30.94 2.40
C8 NAG C . -2.27 30.61 2.01
N2 NAG C . -0.35 30.64 3.61
O3 NAG C . -0.79 32.33 5.99
O4 NAG C . -1.00 30.95 8.29
O5 NAG C . -2.64 28.80 5.80
O6 NAG C . -4.29 29.51 7.89
O7 NAG C . 0.13 31.51 1.69
C1 NAG C . -1.74 31.94 9.10
C2 NAG C . -1.45 31.85 10.56
C3 NAG C . -2.35 32.82 11.34
C4 NAG C . -2.19 34.24 10.80
C5 NAG C . -2.36 34.21 9.27
C6 NAG C . -1.95 35.50 8.57
C7 NAG C . -0.38 29.78 11.03
C8 NAG C . -0.37 28.30 11.56
N2 NAG C . -1.51 30.46 11.04
O3 NAG C . -1.75 32.76 12.61
O4 NAG C . -3.12 35.13 11.44
O5 NAG C . -1.44 33.28 8.66
O6 NAG C . -0.61 35.28 8.06
O7 NAG C . 0.71 30.26 10.70
C1 NAG D . -11.36 -19.42 -13.03
C2 NAG D . -11.56 -19.52 -14.55
C3 NAG D . -13.02 -19.57 -14.88
C4 NAG D . -13.67 -20.76 -14.18
C5 NAG D . -13.35 -20.69 -12.67
C6 NAG D . -13.79 -21.87 -11.76
C7 NAG D . -10.09 -18.47 -16.25
C8 NAG D . -9.46 -17.16 -16.75
N2 NAG D . -10.91 -18.36 -15.18
O3 NAG D . -13.11 -19.71 -16.32
O4 NAG D . -15.12 -20.72 -14.19
O5 NAG D . -11.96 -20.59 -12.48
O6 NAG D . -13.32 -23.01 -12.38
O7 NAG D . -9.92 -19.55 -16.81
C1 NAG D . -15.75 -21.34 -15.34
C2 NAG D . -17.20 -21.56 -14.91
C3 NAG D . -17.85 -22.27 -16.13
C4 NAG D . -17.74 -21.42 -17.38
C5 NAG D . -16.22 -21.35 -17.65
C6 NAG D . -15.65 -20.56 -18.79
C7 NAG D . -17.51 -21.98 -12.52
C8 NAG D . -17.27 -23.04 -11.50
N2 NAG D . -17.24 -22.39 -13.71
O3 NAG D . -19.17 -22.64 -15.85
O4 NAG D . -18.60 -22.04 -18.43
O5 NAG D . -15.60 -20.57 -16.55
O6 NAG D . -16.59 -19.47 -18.72
O7 NAG D . -17.66 -20.73 -12.16
CA CA E . -0.70 27.61 -17.44
CA CA F . 3.65 0.63 14.32
C1 GOL G . 6.84 -14.15 -16.11
C1 GOL G . 6.77 -14.25 -16.11
O1 GOL G . 8.11 -14.65 -16.61
O1 GOL G . 7.10 -14.04 -17.48
C2 GOL G . 7.04 -12.64 -15.84
C2 GOL G . 6.54 -12.96 -15.36
O2 GOL G . 7.56 -12.01 -17.11
O2 GOL G . 7.81 -12.26 -15.12
C3 GOL G . 5.66 -12.01 -15.85
C3 GOL G . 5.70 -11.99 -16.19
O3 GOL G . 5.64 -10.62 -15.50
O3 GOL G . 5.49 -10.79 -15.44
C1 GOL H . 18.37 17.54 -12.93
O1 GOL H . 17.59 17.64 -11.78
C2 GOL H . 17.96 18.60 -13.91
O2 GOL H . 18.24 17.88 -15.05
C3 GOL H . 16.49 18.72 -14.00
O3 GOL H . 16.29 19.23 -12.76
C1 GOL I . -5.94 13.23 10.76
O1 GOL I . -5.29 12.17 10.21
C2 GOL I . -5.09 14.41 10.56
O2 GOL I . -3.82 14.14 11.13
C3 GOL I . -5.00 14.72 9.12
O3 GOL I . -6.04 15.57 9.16
C1 GOL J . -7.70 -10.75 16.52
O1 GOL J . -7.95 -12.06 17.04
C2 GOL J . -7.04 -10.00 17.67
O2 GOL J . -6.87 -8.65 17.22
C3 GOL J . -7.75 -10.05 19.01
O3 GOL J . -6.90 -9.34 19.97
P PO4 K . -7.34 16.59 11.53
O1 PO4 K . -7.31 15.22 12.19
O2 PO4 K . -6.74 16.50 10.14
O3 PO4 K . -6.51 17.54 12.28
O4 PO4 K . -8.77 16.99 11.42
C1 SIA L . -0.27 8.70 7.79
C2 SIA L . -1.78 8.67 7.70
C3 SIA L . -2.37 9.02 6.34
C4 SIA L . -3.76 8.47 6.12
C5 SIA L . -4.47 8.19 7.39
C6 SIA L . -3.63 7.16 8.25
C7 SIA L . -4.14 7.04 9.69
C8 SIA L . -3.33 6.00 10.48
C9 SIA L . -3.84 5.83 11.91
C10 SIA L . -6.95 8.10 7.40
C11 SIA L . -8.14 7.44 6.79
N5 SIA L . -5.77 7.56 7.13
O1A SIA L . 0.24 8.09 8.79
O1B SIA L . 0.38 9.34 6.94
O2 SIA L . -2.14 9.76 8.68
O4 SIA L . -4.46 9.41 5.32
O6 SIA L . -2.24 7.61 8.36
O7 SIA L . -4.09 8.27 10.40
O8 SIA L . -3.34 4.76 9.76
O9 SIA L . -5.21 5.35 11.96
O10 SIA L . -7.08 9.12 8.09
C1 SIA M . 17.63 9.42 10.14
C2 SIA M . 18.39 10.79 9.99
C3 SIA M . 19.36 10.80 8.80
C4 SIA M . 18.57 10.94 7.50
C5 SIA M . 17.59 12.06 7.53
C6 SIA M . 16.72 11.91 8.77
C7 SIA M . 15.72 13.07 9.02
C8 SIA M . 14.98 12.92 10.36
C9 SIA M . 13.73 13.77 10.30
C10 SIA M . 16.61 13.07 5.50
C11 SIA M . 15.81 12.84 4.22
N5 SIA M . 16.78 12.09 6.33
O1A SIA M . 18.18 8.30 9.81
O1B SIA M . 16.46 9.49 10.56
O2 SIA M . 19.14 10.94 11.14
O4 SIA M . 19.55 11.15 6.44
O6 SIA M . 17.50 11.90 9.96
O7 SIA M . 16.32 14.33 8.91
O8 SIA M . 14.68 11.54 10.65
O9 SIA M . 13.19 13.94 11.60
O10 SIA M . 17.11 14.18 5.73
K K N . -29.96 12.31 14.62
#